data_6TCC
#
_entry.id   6TCC
#
_cell.length_a   52.189
_cell.length_b   52.189
_cell.length_c   242.565
_cell.angle_alpha   90.000
_cell.angle_beta   90.000
_cell.angle_gamma   120.000
#
_symmetry.space_group_name_H-M   'H 3 2'
#
loop_
_entity.id
_entity.type
_entity.pdbx_description
1 polymer 'ribonuclease UK114'
2 non-polymer 'ACETATE ION'
3 non-polymer 1,2-ETHANEDIOL
4 non-polymer DI(HYDROXYETHYL)ETHER
5 water water
#
_entity_poly.entity_id   1
_entity_poly.type   'polypeptide(L)'
_entity_poly.pdbx_seq_one_letter_code
;MSSIIRKIINTSKAPAAIGPYSQAVVVDRTMYVSGQLGMDPASGQLVEGGVQAQTKQALVNMGEILKEAGCGYDSVVKTT
VLLADMNDFASVNDVYKTFFSSSFPARAAYQVAALPRGGLVEIEAVAVLGPLTEVS
;
_entity_poly.pdbx_strand_id   A
#
# COMPACT_ATOMS: atom_id res chain seq x y z
N SER A 2 3.58 9.22 28.88
CA SER A 2 2.23 9.12 28.31
C SER A 2 2.09 10.03 27.10
N SER A 3 3.22 10.48 26.55
CA SER A 3 3.24 11.26 25.31
C SER A 3 3.52 10.31 24.16
N ILE A 4 2.64 10.32 23.15
CA ILE A 4 2.72 9.38 22.04
C ILE A 4 3.56 9.98 20.92
N ILE A 5 4.47 9.18 20.39
CA ILE A 5 5.37 9.64 19.33
C ILE A 5 4.69 9.43 17.99
N ARG A 6 4.64 10.49 17.20
CA ARG A 6 4.21 10.43 15.82
C ARG A 6 5.40 10.67 14.91
N LYS A 7 5.47 9.86 13.85
CA LYS A 7 6.50 9.99 12.84
C LYS A 7 5.81 10.04 11.50
N ILE A 8 6.10 11.08 10.74
CA ILE A 8 5.68 11.16 9.35
C ILE A 8 6.68 10.37 8.53
N ILE A 9 6.21 9.41 7.75
CA ILE A 9 7.08 8.58 6.93
C ILE A 9 7.13 9.17 5.55
N ASN A 10 8.35 9.38 5.05
CA ASN A 10 8.53 9.87 3.71
C ASN A 10 9.79 9.27 3.11
N THR A 11 9.63 8.67 1.94
CA THR A 11 10.76 8.15 1.21
C THR A 11 10.61 8.42 -0.27
N SER A 12 11.70 8.86 -0.90
CA SER A 12 11.72 9.04 -2.34
CA SER A 12 11.73 9.04 -2.34
C SER A 12 11.70 7.71 -3.09
N LYS A 13 11.81 6.58 -2.38
CA LYS A 13 11.71 5.29 -3.05
C LYS A 13 10.27 4.96 -3.41
N ALA A 14 9.30 5.70 -2.88
CA ALA A 14 7.91 5.61 -3.28
C ALA A 14 7.50 6.96 -3.88
N PRO A 15 6.46 7.01 -4.70
CA PRO A 15 6.08 8.29 -5.31
C PRO A 15 5.76 9.35 -4.29
N ALA A 16 6.02 10.60 -4.67
CA ALA A 16 5.49 11.71 -3.88
C ALA A 16 3.96 11.67 -3.85
N ALA A 17 3.39 12.01 -2.70
CA ALA A 17 1.95 12.10 -2.57
C ALA A 17 1.39 13.05 -3.63
N ILE A 18 0.23 12.68 -4.20
CA ILE A 18 -0.42 13.50 -5.21
C ILE A 18 -1.45 14.45 -4.63
N GLY A 19 -1.50 14.55 -3.31
CA GLY A 19 -2.41 15.43 -2.62
C GLY A 19 -1.84 15.72 -1.25
N PRO A 20 -2.61 16.40 -0.40
CA PRO A 20 -2.13 16.82 0.94
C PRO A 20 -2.24 15.67 1.95
N TYR A 21 -1.34 14.71 1.78
CA TYR A 21 -1.29 13.55 2.66
C TYR A 21 0.16 13.10 2.78
N SER A 22 0.44 12.39 3.87
CA SER A 22 1.74 11.74 4.07
C SER A 22 1.67 10.31 3.56
N GLN A 23 2.79 9.80 3.04
CA GLN A 23 2.84 8.41 2.61
C GLN A 23 2.35 7.47 3.70
N ALA A 24 2.80 7.72 4.92
CA ALA A 24 2.32 6.97 6.08
C ALA A 24 2.55 7.81 7.32
N VAL A 25 1.80 7.48 8.37
CA VAL A 25 1.98 8.08 9.68
C VAL A 25 2.09 6.97 10.70
N VAL A 26 3.14 7.02 11.50
CA VAL A 26 3.32 6.11 12.61
C VAL A 26 2.93 6.84 13.88
N VAL A 27 2.13 6.19 14.71
CA VAL A 27 1.80 6.72 16.04
C VAL A 27 2.01 5.54 17.00
N ASP A 28 2.96 5.70 17.93
CA ASP A 28 3.40 4.62 18.80
C ASP A 28 3.87 3.47 17.91
N ARG A 29 3.19 2.34 17.95
CA ARG A 29 3.58 1.19 17.15
C ARG A 29 2.66 0.94 15.96
N THR A 30 1.70 1.81 15.72
CA THR A 30 0.71 1.60 14.66
C THR A 30 1.03 2.52 13.48
N MET A 31 1.00 1.96 12.28
CA MET A 31 1.36 2.68 11.07
C MET A 31 0.17 2.67 10.13
N TYR A 32 -0.30 3.86 9.79
CA TYR A 32 -1.37 4.06 8.82
C TYR A 32 -0.73 4.41 7.49
N VAL A 33 -0.93 3.54 6.50
CA VAL A 33 -0.33 3.68 5.18
C VAL A 33 -1.40 4.20 4.22
N SER A 34 -1.09 5.28 3.52
CA SER A 34 -2.00 5.86 2.56
C SER A 34 -2.34 4.89 1.43
N GLY A 35 -3.43 5.19 0.75
CA GLY A 35 -3.80 4.44 -0.43
C GLY A 35 -2.72 4.51 -1.48
N GLN A 36 -2.16 3.37 -1.83
CA GLN A 36 -1.09 3.25 -2.80
C GLN A 36 -1.66 2.98 -4.17
N LEU A 37 -1.24 3.78 -5.15
CA LEU A 37 -1.58 3.58 -6.55
C LEU A 37 -0.37 2.97 -7.27
N GLY A 38 -0.61 2.41 -8.44
CA GLY A 38 0.43 1.77 -9.23
C GLY A 38 1.27 2.77 -10.00
N MET A 39 1.85 3.72 -9.29
CA MET A 39 2.62 4.80 -9.90
CA MET A 39 2.61 4.80 -9.89
CA MET A 39 2.61 4.79 -9.90
C MET A 39 4.10 4.53 -9.79
N ASP A 40 4.80 4.80 -10.88
CA ASP A 40 6.26 4.80 -10.86
CA ASP A 40 6.27 4.80 -10.85
C ASP A 40 6.75 5.90 -9.92
N PRO A 41 7.68 5.58 -9.00
CA PRO A 41 8.14 6.62 -8.07
C PRO A 41 8.86 7.76 -8.75
N ALA A 42 9.50 7.53 -9.90
CA ALA A 42 10.35 8.54 -10.54
C ALA A 42 9.52 9.49 -11.40
N SER A 43 8.62 8.97 -12.23
CA SER A 43 7.83 9.85 -13.07
C SER A 43 6.50 10.25 -12.45
N GLY A 44 6.03 9.50 -11.48
CA GLY A 44 4.72 9.68 -10.93
C GLY A 44 3.60 9.17 -11.79
N GLN A 45 3.90 8.60 -12.94
CA GLN A 45 2.84 8.14 -13.82
C GLN A 45 2.45 6.70 -13.47
N LEU A 46 1.20 6.37 -13.72
CA LEU A 46 0.79 4.98 -13.59
C LEU A 46 1.61 4.12 -14.54
N VAL A 47 2.03 2.96 -14.05
CA VAL A 47 2.78 2.04 -14.89
C VAL A 47 1.88 1.47 -15.97
N GLU A 48 2.50 1.07 -17.08
CA GLU A 48 1.81 0.44 -18.19
C GLU A 48 1.52 -1.03 -17.88
N GLY A 49 0.60 -1.60 -18.64
CA GLY A 49 0.40 -3.03 -18.69
C GLY A 49 -0.87 -3.53 -18.00
N GLY A 50 -1.61 -2.68 -17.30
CA GLY A 50 -2.90 -3.06 -16.77
C GLY A 50 -2.89 -3.33 -15.27
N VAL A 51 -3.93 -4.04 -14.83
CA VAL A 51 -4.25 -4.08 -13.40
C VAL A 51 -3.22 -4.87 -12.61
N GLN A 52 -2.69 -5.97 -13.15
CA GLN A 52 -1.68 -6.71 -12.39
C GLN A 52 -0.42 -5.88 -12.24
N ALA A 53 0.02 -5.22 -13.32
CA ALA A 53 1.19 -4.35 -13.23
C ALA A 53 0.96 -3.25 -12.19
N GLN A 54 -0.22 -2.64 -12.21
CA GLN A 54 -0.50 -1.57 -11.25
C GLN A 54 -0.56 -2.11 -9.83
N THR A 55 -1.15 -3.30 -9.64
CA THR A 55 -1.21 -3.88 -8.30
C THR A 55 0.19 -4.14 -7.79
N LYS A 56 1.03 -4.73 -8.64
CA LYS A 56 2.42 -4.98 -8.25
C LYS A 56 3.10 -3.68 -7.84
N GLN A 57 2.98 -2.64 -8.68
CA GLN A 57 3.67 -1.40 -8.36
C GLN A 57 3.13 -0.78 -7.07
N ALA A 58 1.82 -0.81 -6.88
CA ALA A 58 1.24 -0.27 -5.64
C ALA A 58 1.82 -0.97 -4.43
N LEU A 59 1.96 -2.30 -4.51
CA LEU A 59 2.48 -3.06 -3.37
C LEU A 59 4.00 -2.93 -3.21
N VAL A 60 4.74 -2.74 -4.32
CA VAL A 60 6.15 -2.38 -4.20
C VAL A 60 6.29 -1.03 -3.50
N ASN A 61 5.48 -0.04 -3.91
CA ASN A 61 5.48 1.26 -3.24
C ASN A 61 5.17 1.11 -1.76
N MET A 62 4.14 0.32 -1.43
CA MET A 62 3.82 0.07 -0.03
C MET A 62 5.03 -0.50 0.71
N GLY A 63 5.72 -1.45 0.07
CA GLY A 63 6.88 -2.06 0.70
C GLY A 63 7.99 -1.08 1.00
N GLU A 64 8.21 -0.11 0.10
CA GLU A 64 9.25 0.88 0.34
C GLU A 64 8.87 1.78 1.52
N ILE A 65 7.58 2.10 1.66
CA ILE A 65 7.10 2.91 2.77
C ILE A 65 7.23 2.13 4.08
N LEU A 66 6.85 0.85 4.07
CA LEU A 66 7.03 0.00 5.24
C LEU A 66 8.50 -0.07 5.63
N LYS A 67 9.40 -0.28 4.66
CA LYS A 67 10.82 -0.39 4.96
C LYS A 67 11.36 0.90 5.57
N GLU A 68 10.89 2.04 5.07
CA GLU A 68 11.35 3.31 5.62
C GLU A 68 11.01 3.42 7.10
N ALA A 69 9.91 2.80 7.52
CA ALA A 69 9.51 2.78 8.92
C ALA A 69 10.14 1.63 9.70
N GLY A 70 10.94 0.78 9.07
CA GLY A 70 11.52 -0.37 9.76
C GLY A 70 10.66 -1.60 9.77
N CYS A 71 9.69 -1.69 8.87
CA CYS A 71 8.70 -2.76 8.81
C CYS A 71 8.83 -3.49 7.47
N GLY A 72 8.19 -4.66 7.40
CA GLY A 72 8.04 -5.34 6.13
C GLY A 72 6.60 -5.74 5.88
N TYR A 73 6.36 -6.50 4.81
CA TYR A 73 5.00 -6.92 4.52
C TYR A 73 4.38 -7.72 5.64
N ASP A 74 5.20 -8.46 6.40
CA ASP A 74 4.69 -9.24 7.51
C ASP A 74 4.13 -8.37 8.64
N SER A 75 4.39 -7.06 8.64
CA SER A 75 3.84 -6.18 9.66
CA SER A 75 3.84 -6.17 9.67
C SER A 75 2.41 -5.75 9.37
N VAL A 76 1.91 -6.01 8.17
CA VAL A 76 0.60 -5.50 7.77
C VAL A 76 -0.49 -6.36 8.39
N VAL A 77 -1.46 -5.71 9.03
CA VAL A 77 -2.57 -6.38 9.69
C VAL A 77 -3.91 -6.18 9.02
N LYS A 78 -4.06 -5.15 8.19
CA LYS A 78 -5.32 -4.86 7.52
C LYS A 78 -5.00 -4.12 6.24
N THR A 79 -5.67 -4.48 5.15
CA THR A 79 -5.65 -3.67 3.94
C THR A 79 -7.07 -3.40 3.45
N THR A 80 -7.17 -2.42 2.58
CA THR A 80 -8.37 -2.20 1.77
C THR A 80 -7.93 -2.14 0.32
N VAL A 81 -8.56 -2.96 -0.51
CA VAL A 81 -8.29 -3.05 -1.93
C VAL A 81 -9.45 -2.42 -2.69
N LEU A 82 -9.15 -1.33 -3.37
CA LEU A 82 -10.13 -0.54 -4.10
C LEU A 82 -9.89 -0.78 -5.58
N LEU A 83 -10.91 -1.24 -6.30
CA LEU A 83 -10.78 -1.60 -7.70
C LEU A 83 -11.61 -0.67 -8.59
N ALA A 84 -11.08 -0.40 -9.79
CA ALA A 84 -11.88 0.23 -10.82
C ALA A 84 -12.85 -0.73 -11.49
N ASP A 85 -12.57 -2.04 -11.45
CA ASP A 85 -13.35 -3.07 -12.15
C ASP A 85 -13.38 -4.34 -11.29
N MET A 86 -14.55 -4.71 -10.78
CA MET A 86 -14.70 -5.94 -9.99
C MET A 86 -14.27 -7.20 -10.77
N ASN A 87 -14.32 -7.14 -12.11
CA ASN A 87 -13.88 -8.29 -12.89
C ASN A 87 -12.41 -8.58 -12.65
N ASP A 88 -11.69 -7.66 -12.03
CA ASP A 88 -10.27 -7.81 -11.78
C ASP A 88 -9.95 -8.48 -10.44
N PHE A 89 -10.97 -8.90 -9.66
CA PHE A 89 -10.67 -9.40 -8.31
C PHE A 89 -9.66 -10.54 -8.37
N ALA A 90 -9.89 -11.54 -9.23
CA ALA A 90 -9.00 -12.70 -9.21
C ALA A 90 -7.59 -12.33 -9.64
N SER A 91 -7.46 -11.48 -10.68
CA SER A 91 -6.15 -11.08 -11.15
C SER A 91 -5.40 -10.31 -10.07
N VAL A 92 -6.10 -9.42 -9.38
CA VAL A 92 -5.49 -8.66 -8.30
C VAL A 92 -5.09 -9.58 -7.15
N ASN A 93 -5.97 -10.52 -6.79
CA ASN A 93 -5.65 -11.46 -5.72
C ASN A 93 -4.39 -12.25 -6.03
N ASP A 94 -4.21 -12.65 -7.30
CA ASP A 94 -3.04 -13.44 -7.65
C ASP A 94 -1.76 -12.65 -7.38
N VAL A 95 -1.74 -11.36 -7.68
CA VAL A 95 -0.57 -10.54 -7.37
C VAL A 95 -0.45 -10.32 -5.87
N TYR A 96 -1.57 -9.92 -5.25
CA TYR A 96 -1.58 -9.59 -3.84
C TYR A 96 -1.00 -10.70 -2.96
N LYS A 97 -1.35 -11.95 -3.26
CA LYS A 97 -0.93 -13.07 -2.41
C LYS A 97 0.57 -13.33 -2.53
N THR A 98 1.24 -12.80 -3.54
CA THR A 98 2.70 -12.94 -3.58
C THR A 98 3.40 -12.03 -2.58
N PHE A 99 2.78 -10.93 -2.18
CA PHE A 99 3.32 -10.00 -1.20
C PHE A 99 2.92 -10.38 0.22
N PHE A 100 1.67 -10.84 0.36
CA PHE A 100 1.07 -11.29 1.61
C PHE A 100 0.73 -12.76 1.40
N SER A 101 1.64 -13.64 1.78
CA SER A 101 1.54 -15.03 1.35
C SER A 101 1.10 -15.99 2.45
N SER A 102 1.08 -15.54 3.69
CA SER A 102 0.61 -16.33 4.83
C SER A 102 0.26 -15.34 5.92
N SER A 103 -0.45 -15.82 6.95
CA SER A 103 -0.90 -14.97 8.06
C SER A 103 -1.46 -13.66 7.51
N PHE A 104 -2.41 -13.83 6.58
CA PHE A 104 -2.81 -12.77 5.68
C PHE A 104 -3.41 -11.63 6.49
N PRO A 105 -3.27 -10.44 6.04
CA PRO A 105 -4.01 -9.33 6.65
C PRO A 105 -5.52 -9.57 6.58
N ALA A 106 -6.21 -8.96 7.53
CA ALA A 106 -7.63 -8.73 7.33
C ALA A 106 -7.80 -7.80 6.12
N ARG A 107 -8.97 -7.82 5.48
CA ARG A 107 -9.11 -7.09 4.24
C ARG A 107 -10.57 -6.77 3.97
N ALA A 108 -10.78 -5.66 3.28
CA ALA A 108 -12.00 -5.37 2.57
C ALA A 108 -11.63 -5.08 1.13
N ALA A 109 -12.51 -5.43 0.21
CA ALA A 109 -12.27 -5.18 -1.19
C ALA A 109 -13.60 -4.86 -1.86
N TYR A 110 -13.54 -3.94 -2.81
CA TYR A 110 -14.75 -3.55 -3.51
C TYR A 110 -14.37 -2.71 -4.72
N GLN A 111 -15.30 -2.61 -5.65
CA GLN A 111 -15.17 -1.74 -6.80
C GLN A 111 -15.72 -0.36 -6.46
N VAL A 112 -14.91 0.66 -6.68
CA VAL A 112 -15.30 2.05 -6.53
C VAL A 112 -15.68 2.61 -7.89
N ALA A 113 -16.24 3.83 -7.91
CA ALA A 113 -16.58 4.46 -9.17
C ALA A 113 -15.35 4.91 -9.94
N ALA A 114 -14.36 5.48 -9.24
CA ALA A 114 -13.15 5.96 -9.90
C ALA A 114 -12.07 6.17 -8.85
N LEU A 115 -10.83 6.04 -9.30
CA LEU A 115 -9.65 6.28 -8.47
C LEU A 115 -8.89 7.49 -8.98
N PRO A 116 -8.06 8.11 -8.13
CA PRO A 116 -7.22 9.20 -8.61
C PRO A 116 -6.42 8.79 -9.83
N ARG A 117 -6.26 9.75 -10.73
CA ARG A 117 -5.44 9.58 -11.93
C ARG A 117 -5.97 8.50 -12.85
N GLY A 118 -7.20 8.03 -12.63
CA GLY A 118 -7.69 6.92 -13.41
C GLY A 118 -7.04 5.60 -13.12
N GLY A 119 -6.48 5.44 -11.94
CA GLY A 119 -5.87 4.17 -11.58
C GLY A 119 -6.87 3.04 -11.59
N LEU A 120 -6.33 1.82 -11.73
CA LEU A 120 -7.14 0.61 -11.74
C LEU A 120 -7.26 -0.04 -10.37
N VAL A 121 -6.41 0.34 -9.43
CA VAL A 121 -6.33 -0.26 -8.11
C VAL A 121 -5.68 0.73 -7.17
N GLU A 122 -6.15 0.75 -5.93
CA GLU A 122 -5.55 1.52 -4.85
C GLU A 122 -5.61 0.66 -3.60
N ILE A 123 -4.52 0.59 -2.83
CA ILE A 123 -4.46 -0.30 -1.68
C ILE A 123 -3.92 0.48 -0.48
N GLU A 124 -4.73 0.59 0.57
CA GLU A 124 -4.29 1.21 1.83
C GLU A 124 -4.03 0.12 2.86
N ALA A 125 -3.37 0.48 3.96
CA ALA A 125 -3.00 -0.55 4.93
C ALA A 125 -2.84 0.03 6.32
N VAL A 126 -2.98 -0.86 7.29
CA VAL A 126 -2.55 -0.65 8.67
C VAL A 126 -1.50 -1.70 8.97
N ALA A 127 -0.38 -1.27 9.57
CA ALA A 127 0.71 -2.14 9.96
C ALA A 127 1.05 -1.86 11.41
N VAL A 128 1.71 -2.81 12.04
CA VAL A 128 2.20 -2.67 13.41
C VAL A 128 3.70 -2.89 13.42
N LEU A 129 4.42 -1.96 14.03
CA LEU A 129 5.87 -2.04 14.04
C LEU A 129 6.33 -3.16 14.98
N GLY A 130 7.19 -4.06 14.47
CA GLY A 130 7.65 -5.22 15.21
C GLY A 130 8.45 -4.85 16.43
N PRO A 131 8.93 -5.86 17.18
CA PRO A 131 8.74 -7.28 16.87
C PRO A 131 7.31 -7.77 17.07
N LEU A 132 6.87 -8.70 16.21
CA LEU A 132 5.55 -9.28 16.28
C LEU A 132 5.67 -10.77 16.57
N THR A 133 4.82 -11.26 17.48
CA THR A 133 4.79 -12.65 17.88
C THR A 133 3.48 -13.26 17.39
N GLU A 134 3.57 -14.36 16.64
CA GLU A 134 2.39 -15.00 16.07
C GLU A 134 1.88 -16.10 17.00
N VAL A 135 0.60 -16.05 17.31
CA VAL A 135 -0.04 -17.01 18.20
C VAL A 135 -1.37 -17.45 17.59
#